data_2X7A
#
_entry.id   2X7A
#
_cell.length_a   169.890
_cell.length_b   85.930
_cell.length_c   123.310
_cell.angle_alpha   90.00
_cell.angle_beta   126.94
_cell.angle_gamma   90.00
#
_symmetry.space_group_name_H-M   'C 1 2 1'
#
loop_
_entity.id
_entity.type
_entity.pdbx_description
1 polymer 'BONE MARROW STROMAL ANTIGEN 2'
2 non-polymer 'SODIUM ION'
3 non-polymer 'CHLORIDE ION'
4 non-polymer GLYCEROL
5 non-polymer 'MAGNESIUM ION'
6 water water
#
_entity_poly.entity_id   1
_entity_poly.type   'polypeptide(L)'
_entity_poly.pdbx_seq_one_letter_code
;QAATCNHTV(MSE)AL(MSE)ASLDAEKAQGQKKVEELEGEITTLNHKLQDASAEVERLRRENQVLSVR
;
_entity_poly.pdbx_strand_id   A,B,C,D,E,F,G,H,I,J,K
#
# COMPACT_ATOMS: atom_id res chain seq x y z
N ALA A 3 13.65 -12.00 -18.71
CA ALA A 3 14.93 -11.40 -18.36
C ALA A 3 14.92 -10.91 -16.91
N THR A 4 13.82 -10.33 -16.44
CA THR A 4 13.78 -9.91 -15.06
C THR A 4 13.97 -11.10 -14.12
N CYS A 5 13.22 -12.15 -14.38
CA CYS A 5 13.36 -13.41 -13.67
C CYS A 5 14.81 -13.97 -13.61
N ASN A 6 15.54 -13.90 -14.72
CA ASN A 6 16.94 -14.30 -14.73
C ASN A 6 17.77 -13.41 -13.84
N HIS A 7 17.57 -12.10 -13.98
CA HIS A 7 18.24 -11.13 -13.14
C HIS A 7 17.95 -11.56 -11.70
N THR A 8 16.70 -11.86 -11.40
CA THR A 8 16.35 -12.15 -10.03
C THR A 8 16.91 -13.46 -9.49
N VAL A 9 16.91 -14.49 -10.31
CA VAL A 9 17.54 -15.74 -9.94
C VAL A 9 19.05 -15.61 -9.62
N ALA A 11 20.56 -12.86 -8.52
CA ALA A 11 20.65 -12.12 -7.28
C ALA A 11 20.35 -13.04 -6.12
N LEU A 12 19.29 -13.82 -6.24
CA LEU A 12 18.92 -14.71 -5.17
C LEU A 12 20.01 -15.76 -4.88
N ALA A 14 23.27 -15.66 -5.64
CA ALA A 14 24.40 -14.99 -5.02
C ALA A 14 24.09 -14.64 -3.54
N SER A 15 22.85 -14.31 -3.25
CA SER A 15 22.45 -13.98 -1.89
C SER A 15 22.58 -15.15 -0.95
N LEU A 16 21.92 -16.25 -1.32
CA LEU A 16 21.96 -17.50 -0.58
C LEU A 16 23.39 -17.84 -0.28
N ASP A 17 24.28 -17.76 -1.27
CA ASP A 17 25.68 -18.02 -0.96
C ASP A 17 26.26 -17.07 0.10
N ALA A 18 25.98 -15.78 -0.03
CA ALA A 18 26.44 -14.81 0.94
C ALA A 18 25.96 -15.14 2.35
N GLU A 19 24.67 -15.42 2.53
CA GLU A 19 24.15 -15.78 3.84
C GLU A 19 24.90 -16.94 4.44
N LYS A 20 25.03 -18.03 3.69
CA LYS A 20 25.68 -19.21 4.25
C LYS A 20 27.06 -18.81 4.71
N ALA A 21 27.72 -17.98 3.91
CA ALA A 21 29.08 -17.56 4.23
C ALA A 21 29.17 -16.67 5.46
N GLN A 22 28.33 -15.64 5.51
CA GLN A 22 28.26 -14.79 6.68
C GLN A 22 27.90 -15.64 7.88
N GLY A 23 26.95 -16.54 7.70
CA GLY A 23 26.60 -17.48 8.75
C GLY A 23 27.77 -18.32 9.24
N GLN A 24 28.47 -19.01 8.34
CA GLN A 24 29.59 -19.84 8.75
C GLN A 24 30.58 -19.04 9.54
N LYS A 25 30.74 -17.77 9.15
CA LYS A 25 31.78 -16.89 9.71
C LYS A 25 31.43 -16.43 11.13
N LYS A 26 30.15 -16.18 11.37
CA LYS A 26 29.73 -15.74 12.68
C LYS A 26 29.74 -16.87 13.68
N VAL A 27 29.38 -18.07 13.24
CA VAL A 27 29.50 -19.23 14.13
C VAL A 27 30.94 -19.48 14.53
N GLU A 28 31.85 -19.49 13.56
CA GLU A 28 33.27 -19.68 13.87
C GLU A 28 33.73 -18.71 14.96
N GLU A 29 33.44 -17.42 14.79
CA GLU A 29 33.90 -16.43 15.73
C GLU A 29 33.33 -16.72 17.12
N LEU A 30 32.06 -17.10 17.16
CA LEU A 30 31.42 -17.46 18.42
C LEU A 30 32.00 -18.73 19.03
N GLU A 31 32.27 -19.74 18.21
CA GLU A 31 32.88 -20.97 18.70
C GLU A 31 34.26 -20.68 19.29
N GLY A 32 34.90 -19.63 18.80
CA GLY A 32 36.22 -19.24 19.23
C GLY A 32 36.19 -18.48 20.54
N GLU A 33 35.14 -17.69 20.74
CA GLU A 33 34.94 -17.03 22.02
C GLU A 33 34.57 -18.05 23.08
N ILE A 34 33.78 -19.04 22.70
CA ILE A 34 33.44 -20.10 23.62
C ILE A 34 34.68 -20.87 24.02
N THR A 35 35.41 -21.35 23.03
CA THR A 35 36.58 -22.16 23.31
C THR A 35 37.54 -21.36 24.19
N THR A 36 37.59 -20.05 23.96
CA THR A 36 38.37 -19.12 24.77
C THR A 36 37.85 -19.05 26.22
N LEU A 37 36.56 -18.77 26.38
CA LEU A 37 35.94 -18.69 27.70
C LEU A 37 35.84 -20.03 28.42
N ASN A 38 36.42 -21.08 27.86
CA ASN A 38 36.44 -22.38 28.53
C ASN A 38 37.81 -22.61 29.13
N HIS A 39 38.79 -21.89 28.62
CA HIS A 39 40.15 -21.96 29.13
C HIS A 39 40.38 -20.90 30.19
N LYS A 40 39.62 -19.80 30.13
CA LYS A 40 39.60 -18.82 31.20
C LYS A 40 38.92 -19.41 32.44
N LEU A 41 37.78 -20.06 32.22
CA LEU A 41 37.07 -20.78 33.27
C LEU A 41 37.88 -21.98 33.76
N GLN A 42 38.60 -22.62 32.84
CA GLN A 42 39.38 -23.80 33.18
C GLN A 42 40.43 -23.48 34.23
N ASP A 43 41.05 -22.31 34.06
CA ASP A 43 42.17 -21.89 34.89
C ASP A 43 41.72 -21.27 36.21
N ALA A 44 40.81 -20.31 36.16
CA ALA A 44 40.24 -19.77 37.38
C ALA A 44 39.70 -20.89 38.27
N SER A 45 39.17 -21.94 37.64
CA SER A 45 38.60 -23.09 38.34
C SER A 45 39.65 -24.06 38.93
N ALA A 46 40.93 -23.71 38.75
CA ALA A 46 42.04 -24.45 39.35
C ALA A 46 42.74 -23.55 40.36
N GLU A 47 42.87 -22.26 40.02
CA GLU A 47 43.37 -21.24 40.93
C GLU A 47 42.61 -21.36 42.26
N VAL A 48 41.35 -21.75 42.17
CA VAL A 48 40.52 -21.97 43.34
C VAL A 48 40.95 -23.20 44.16
N GLU A 49 41.07 -24.35 43.51
CA GLU A 49 41.33 -25.63 44.20
C GLU A 49 42.75 -25.77 44.77
N ARG A 50 43.60 -24.79 44.50
CA ARG A 50 44.90 -24.70 45.16
C ARG A 50 44.84 -23.69 46.30
N LEU A 51 44.26 -22.52 46.03
CA LEU A 51 43.86 -21.59 47.08
C LEU A 51 42.99 -22.26 48.15
N ARG A 52 42.26 -23.30 47.75
CA ARG A 52 41.45 -24.10 48.68
C ARG A 52 42.34 -24.98 49.55
N ARG A 53 43.45 -25.43 48.97
CA ARG A 53 44.40 -26.29 49.65
C ARG A 53 45.31 -25.45 50.55
N GLU A 54 45.88 -24.38 49.98
CA GLU A 54 46.70 -23.43 50.70
C GLU A 54 45.97 -22.94 51.95
N ASN A 55 44.65 -22.81 51.81
CA ASN A 55 43.79 -22.39 52.88
C ASN A 55 43.81 -23.40 54.01
N GLN A 56 43.69 -24.67 53.66
CA GLN A 56 43.55 -25.75 54.65
C GLN A 56 44.80 -26.01 55.50
N VAL A 57 45.98 -25.93 54.91
CA VAL A 57 47.22 -26.04 55.67
C VAL A 57 47.36 -24.81 56.58
N LEU A 58 46.88 -23.67 56.07
CA LEU A 58 46.92 -22.40 56.79
C LEU A 58 45.94 -22.31 57.97
N SER A 59 44.81 -23.02 57.84
CA SER A 59 43.74 -23.04 58.86
C SER A 59 44.16 -23.74 60.16
N VAL A 60 44.86 -24.87 60.01
CA VAL A 60 45.47 -25.55 61.14
C VAL A 60 46.90 -24.99 61.28
N ARG A 61 46.98 -23.66 61.39
CA ARG A 61 48.23 -22.89 61.37
C ARG A 61 49.41 -23.58 60.69
N ALA B 3 8.36 -20.58 -17.10
CA ALA B 3 7.88 -21.34 -15.96
C ALA B 3 8.99 -21.90 -15.09
N THR B 4 10.08 -22.34 -15.71
CA THR B 4 11.17 -22.95 -14.96
C THR B 4 11.80 -21.89 -14.13
N CYS B 5 12.05 -20.75 -14.74
CA CYS B 5 12.57 -19.65 -13.98
C CYS B 5 11.64 -19.26 -12.79
N ASN B 6 10.34 -19.06 -13.02
CA ASN B 6 9.43 -18.73 -11.93
C ASN B 6 9.56 -19.67 -10.74
N HIS B 7 9.61 -20.96 -11.04
CA HIS B 7 9.69 -22.01 -10.03
C HIS B 7 10.99 -21.85 -9.25
N THR B 8 12.05 -21.51 -9.96
CA THR B 8 13.34 -21.38 -9.32
C THR B 8 13.39 -20.19 -8.37
N VAL B 9 12.83 -19.04 -8.81
CA VAL B 9 12.66 -17.90 -7.91
C VAL B 9 11.88 -18.27 -6.62
N ALA B 11 11.69 -21.01 -5.12
CA ALA B 11 12.31 -21.99 -4.25
C ALA B 11 13.50 -21.38 -3.55
N LEU B 12 14.24 -20.56 -4.28
CA LEU B 12 15.32 -19.81 -3.73
C LEU B 12 14.82 -18.85 -2.63
N ALA B 14 12.24 -19.20 -0.67
CA ALA B 14 12.04 -20.08 0.47
C ALA B 14 13.39 -20.58 1.04
N SER B 15 14.37 -20.85 0.17
CA SER B 15 15.64 -21.30 0.69
C SER B 15 16.31 -20.23 1.53
N LEU B 16 16.40 -19.02 0.99
CA LEU B 16 17.02 -17.91 1.69
C LEU B 16 16.34 -17.65 3.05
N ASP B 17 15.02 -17.74 3.12
CA ASP B 17 14.35 -17.57 4.39
C ASP B 17 14.82 -18.65 5.36
N ALA B 18 14.68 -19.89 4.91
CA ALA B 18 15.10 -21.05 5.71
C ALA B 18 16.57 -20.91 6.15
N GLU B 19 17.46 -20.53 5.26
CA GLU B 19 18.84 -20.36 5.63
C GLU B 19 19.02 -19.28 6.70
N LYS B 20 18.25 -18.19 6.61
CA LYS B 20 18.34 -17.12 7.62
C LYS B 20 17.78 -17.58 8.95
N ALA B 21 16.59 -18.17 8.92
CA ALA B 21 16.03 -18.72 10.14
C ALA B 21 17.02 -19.66 10.84
N GLN B 22 17.48 -20.70 10.14
CA GLN B 22 18.37 -21.68 10.74
C GLN B 22 19.58 -21.01 11.38
N GLY B 23 20.16 -20.06 10.67
CA GLY B 23 21.32 -19.35 11.15
C GLY B 23 21.06 -18.51 12.37
N GLN B 24 19.99 -17.71 12.38
CA GLN B 24 19.80 -16.84 13.50
C GLN B 24 19.50 -17.67 14.72
N LYS B 25 18.83 -18.80 14.51
CA LYS B 25 18.60 -19.75 15.59
C LYS B 25 19.90 -20.23 16.22
N LYS B 26 20.88 -20.61 15.42
CA LYS B 26 22.11 -21.13 16.00
C LYS B 26 22.96 -20.06 16.66
N VAL B 27 22.98 -18.88 16.07
CA VAL B 27 23.75 -17.78 16.62
C VAL B 27 23.27 -17.46 18.01
N GLU B 28 21.95 -17.37 18.16
CA GLU B 28 21.35 -17.13 19.46
C GLU B 28 21.78 -18.17 20.48
N GLU B 29 21.67 -19.45 20.12
CA GLU B 29 22.01 -20.48 21.07
C GLU B 29 23.51 -20.54 21.39
N LEU B 30 24.36 -19.98 20.52
CA LEU B 30 25.76 -19.87 20.83
C LEU B 30 26.01 -18.70 21.76
N GLU B 31 25.22 -17.64 21.60
CA GLU B 31 25.30 -16.51 22.51
C GLU B 31 24.84 -16.96 23.89
N GLY B 32 23.84 -17.84 23.91
CA GLY B 32 23.42 -18.48 25.14
C GLY B 32 24.64 -19.01 25.85
N GLU B 33 25.20 -20.11 25.34
CA GLU B 33 26.43 -20.68 25.87
C GLU B 33 27.38 -19.60 26.37
N ILE B 34 27.63 -18.61 25.54
CA ILE B 34 28.55 -17.53 25.85
C ILE B 34 28.13 -16.72 27.08
N THR B 35 26.84 -16.44 27.18
CA THR B 35 26.33 -15.73 28.33
C THR B 35 26.54 -16.56 29.59
N THR B 36 26.15 -17.83 29.53
CA THR B 36 26.35 -18.74 30.64
C THR B 36 27.81 -18.84 31.06
N LEU B 37 28.73 -19.03 30.12
CA LEU B 37 30.14 -19.10 30.46
C LEU B 37 30.59 -17.82 31.13
N ASN B 38 30.02 -16.69 30.71
CA ASN B 38 30.41 -15.41 31.27
C ASN B 38 30.06 -15.28 32.75
N HIS B 39 28.94 -15.87 33.12
CA HIS B 39 28.51 -15.85 34.51
C HIS B 39 29.46 -16.73 35.31
N LYS B 40 29.68 -17.93 34.80
CA LYS B 40 30.56 -18.91 35.46
C LYS B 40 31.99 -18.41 35.68
N LEU B 41 32.52 -17.70 34.71
CA LEU B 41 33.85 -17.13 34.83
C LEU B 41 33.82 -16.03 35.88
N GLN B 42 32.71 -15.31 35.93
CA GLN B 42 32.50 -14.21 36.88
C GLN B 42 32.43 -14.71 38.33
N ASP B 43 31.78 -15.85 38.54
CA ASP B 43 31.70 -16.50 39.86
C ASP B 43 33.03 -17.03 40.35
N ALA B 44 33.74 -17.77 39.50
CA ALA B 44 34.99 -18.39 39.87
C ALA B 44 36.11 -17.38 39.94
N SER B 45 35.86 -16.18 39.45
CA SER B 45 36.82 -15.11 39.63
C SER B 45 36.64 -14.38 40.97
N ALA B 46 35.44 -14.47 41.53
CA ALA B 46 35.17 -13.89 42.84
C ALA B 46 35.59 -14.86 43.95
N GLU B 47 35.30 -16.15 43.74
CA GLU B 47 35.74 -17.20 44.64
C GLU B 47 37.27 -17.23 44.77
N VAL B 48 37.97 -16.87 43.70
CA VAL B 48 39.42 -16.67 43.74
C VAL B 48 39.77 -15.40 44.50
N GLU B 49 39.10 -14.30 44.16
CA GLU B 49 39.28 -13.05 44.88
C GLU B 49 39.09 -13.24 46.38
N ARG B 50 38.06 -14.01 46.73
CA ARG B 50 37.71 -14.26 48.13
C ARG B 50 38.71 -15.22 48.79
N LEU B 51 38.72 -16.48 48.34
CA LEU B 51 39.68 -17.46 48.83
C LEU B 51 41.03 -16.80 49.06
N ARG B 52 41.43 -15.96 48.12
CA ARG B 52 42.69 -15.22 48.19
C ARG B 52 42.75 -14.23 49.36
N ARG B 53 41.77 -13.36 49.46
CA ARG B 53 41.76 -12.38 50.53
C ARG B 53 41.87 -13.05 51.89
N GLU B 54 41.02 -14.05 52.12
CA GLU B 54 40.97 -14.74 53.41
C GLU B 54 42.22 -15.58 53.69
N ASN B 55 42.91 -16.00 52.63
CA ASN B 55 44.21 -16.65 52.77
C ASN B 55 45.27 -15.73 53.36
N GLN B 56 45.21 -14.46 52.96
CA GLN B 56 46.18 -13.49 53.42
C GLN B 56 46.22 -13.40 54.95
N VAL B 57 43.50 -13.12 55.41
CA VAL B 57 43.51 -12.86 56.85
C VAL B 57 44.18 -13.99 57.61
N LEU B 58 44.18 -15.17 57.01
CA LEU B 58 44.70 -16.37 57.67
C LEU B 58 46.19 -16.27 57.98
N SER B 59 46.97 -15.76 57.04
CA SER B 59 48.42 -15.67 57.26
C SER B 59 48.78 -14.76 58.44
N VAL B 60 47.86 -13.84 58.76
CA VAL B 60 48.00 -12.88 59.86
C VAL B 60 47.77 -13.49 61.25
N ARG B 61 46.82 -14.42 61.36
CA ARG B 61 46.51 -15.13 62.60
C ARG B 61 45.32 -16.08 62.46
N ALA C 3 -15.18 -2.28 -0.21
CA ALA C 3 -15.18 -2.41 1.25
C ALA C 3 -13.76 -2.50 1.82
N THR C 4 -12.86 -3.24 1.17
CA THR C 4 -11.52 -3.29 1.73
C THR C 4 -10.83 -1.94 1.59
N CYS C 5 -11.02 -1.21 0.51
CA CYS C 5 -10.51 0.15 0.50
C CYS C 5 -10.94 0.97 1.75
N ASN C 6 -12.21 0.89 2.15
CA ASN C 6 -12.73 1.53 3.36
C ASN C 6 -12.02 1.15 4.65
N HIS C 7 -11.80 -0.15 4.86
CA HIS C 7 -11.08 -0.64 6.03
C HIS C 7 -9.66 -0.08 5.98
N THR C 8 -9.09 -0.04 4.79
CA THR C 8 -7.77 0.50 4.73
C THR C 8 -7.76 1.96 5.21
N VAL C 9 -8.65 2.80 4.67
CA VAL C 9 -8.71 4.22 5.07
C VAL C 9 -8.85 4.35 6.57
N ALA C 11 -7.83 2.15 8.82
CA ALA C 11 -6.60 1.72 9.45
C ALA C 11 -5.58 2.86 9.45
N LEU C 12 -5.33 3.40 8.26
CA LEU C 12 -4.36 4.48 8.10
C LEU C 12 -4.69 5.71 8.95
N ALA C 14 -6.10 5.67 11.73
CA ALA C 14 -5.78 5.20 13.07
C ALA C 14 -4.28 5.21 13.27
N SER C 15 -3.54 4.67 12.32
CA SER C 15 -2.10 4.68 12.45
C SER C 15 -1.59 6.10 12.63
N LEU C 16 -2.16 7.05 11.90
CA LEU C 16 -1.66 8.40 11.87
C LEU C 16 -1.90 9.16 13.17
N ASP C 17 -2.98 8.81 13.88
CA ASP C 17 -3.27 9.28 15.23
C ASP C 17 -2.23 8.70 16.17
N ALA C 18 -2.00 7.40 16.05
CA ALA C 18 -1.00 6.72 16.85
C ALA C 18 0.37 7.35 16.64
N GLU C 19 0.75 7.55 15.39
CA GLU C 19 2.03 8.11 15.10
C GLU C 19 2.07 9.47 15.73
N LYS C 20 1.01 10.23 15.56
CA LYS C 20 0.98 11.61 16.02
C LYS C 20 1.09 11.72 17.52
N ALA C 21 0.39 10.86 18.24
CA ALA C 21 0.52 10.83 19.69
C ALA C 21 1.94 10.42 20.12
N GLN C 22 2.41 9.27 19.66
CA GLN C 22 3.77 8.85 19.95
C GLN C 22 4.70 10.05 19.83
N GLY C 23 4.70 10.68 18.67
CA GLY C 23 5.50 11.89 18.48
C GLY C 23 5.09 13.01 19.43
N GLN C 24 3.80 13.23 19.60
CA GLN C 24 3.35 14.32 20.45
C GLN C 24 3.97 14.16 21.82
N LYS C 25 4.01 12.92 22.29
CA LYS C 25 4.51 12.63 23.64
C LYS C 25 6.03 12.78 23.76
N LYS C 26 6.79 11.96 23.03
CA LYS C 26 8.23 11.93 23.20
C LYS C 26 8.87 13.27 22.86
N VAL C 27 8.07 14.25 22.43
CA VAL C 27 8.57 15.60 22.26
C VAL C 27 8.37 16.43 23.52
N GLU C 28 7.18 16.31 24.10
CA GLU C 28 6.91 17.01 25.34
C GLU C 28 8.05 16.72 26.29
N GLU C 29 8.32 15.44 26.55
CA GLU C 29 9.43 15.11 27.43
C GLU C 29 10.75 15.76 26.98
N LEU C 30 11.18 15.55 25.75
CA LEU C 30 12.40 16.22 25.32
C LEU C 30 12.40 17.69 25.73
N GLU C 31 11.27 18.37 25.54
CA GLU C 31 11.15 19.77 25.94
C GLU C 31 11.09 19.96 27.46
N GLY C 32 10.51 18.99 28.17
CA GLY C 32 10.51 18.98 29.61
C GLY C 32 11.94 19.05 30.15
N GLU C 33 12.80 18.22 29.57
CA GLU C 33 14.21 18.20 29.93
C GLU C 33 14.93 19.44 29.45
N ILE C 34 14.63 19.89 28.24
CA ILE C 34 15.25 21.11 27.74
C ILE C 34 15.06 22.26 28.73
N THR C 35 13.88 22.37 29.33
CA THR C 35 13.61 23.43 30.30
C THR C 35 14.35 23.20 31.61
N THR C 36 14.14 22.03 32.21
CA THR C 36 14.86 21.63 33.42
C THR C 36 16.29 22.12 33.38
N LEU C 37 17.02 21.60 32.42
CA LEU C 37 18.43 21.90 32.26
C LEU C 37 18.66 23.39 31.98
N ASN C 38 17.75 24.00 31.23
CA ASN C 38 17.87 25.40 30.85
C ASN C 38 17.86 26.37 32.06
N HIS C 39 17.05 26.05 33.05
CA HIS C 39 17.03 26.85 34.27
C HIS C 39 18.35 26.64 35.01
N LYS C 40 18.83 25.41 35.02
CA LYS C 40 20.08 25.07 35.69
C LYS C 40 21.21 25.99 35.29
N LEU C 41 21.27 26.33 34.00
CA LEU C 41 22.37 27.13 33.48
C LEU C 41 22.16 28.63 33.62
N GLN C 42 20.92 29.03 33.87
CA GLN C 42 20.65 30.44 34.14
C GLN C 42 21.04 30.75 35.58
N ASP C 43 21.03 29.73 36.42
CA ASP C 43 21.48 29.87 37.81
C ASP C 43 23.00 29.76 37.94
N ALA C 44 23.62 28.97 37.08
CA ALA C 44 25.07 28.85 37.07
C ALA C 44 25.69 30.17 36.64
N SER C 45 25.22 30.72 35.53
CA SER C 45 25.71 32.01 35.03
C SER C 45 25.72 33.10 36.11
N ALA C 46 24.74 33.04 37.01
CA ALA C 46 24.60 34.01 38.08
C ALA C 46 25.74 33.94 39.08
N GLU C 47 26.15 32.72 39.43
CA GLU C 47 27.28 32.52 40.33
C GLU C 47 28.54 33.10 39.73
N VAL C 48 28.72 32.89 38.44
CA VAL C 48 29.85 33.47 37.72
C VAL C 48 29.88 34.98 37.85
N GLU C 49 28.72 35.59 37.65
CA GLU C 49 28.56 37.03 37.76
C GLU C 49 28.76 37.50 39.20
N ARG C 50 28.32 36.66 40.12
CA ARG C 50 28.52 36.94 41.53
C ARG C 50 29.46 35.93 42.15
N GLN D 1 -14.36 1.99 -9.45
CA GLN D 1 -14.52 3.43 -9.71
C GLN D 1 -14.57 4.20 -8.40
N ALA D 2 -14.32 3.52 -7.30
CA ALA D 2 -14.31 4.17 -6.00
C ALA D 2 -13.04 5.02 -5.83
N ALA D 3 -12.88 6.01 -6.70
CA ALA D 3 -11.65 6.77 -6.78
C ALA D 3 -11.44 7.75 -5.62
N THR D 4 -12.47 8.39 -5.12
CA THR D 4 -12.22 9.23 -4.00
C THR D 4 -11.54 8.40 -2.92
N CYS D 5 -11.95 7.15 -2.80
CA CYS D 5 -11.39 6.33 -1.75
C CYS D 5 -9.94 5.96 -2.05
N ASN D 6 -9.64 5.64 -3.28
CA ASN D 6 -8.27 5.35 -3.60
C ASN D 6 -7.41 6.58 -3.40
N HIS D 7 -7.89 7.76 -3.81
CA HIS D 7 -7.10 8.96 -3.62
C HIS D 7 -6.87 9.20 -2.14
N THR D 8 -7.89 8.95 -1.33
CA THR D 8 -7.74 9.24 0.07
C THR D 8 -6.68 8.31 0.69
N VAL D 9 -6.72 7.03 0.32
CA VAL D 9 -5.70 6.08 0.74
C VAL D 9 -4.31 6.55 0.37
N ALA D 11 -3.36 9.47 -0.17
CA ALA D 11 -3.07 10.72 0.51
C ALA D 11 -2.72 10.46 1.97
N LEU D 12 -3.44 9.54 2.60
CA LEU D 12 -3.11 9.13 3.95
C LEU D 12 -1.72 8.50 4.05
N ALA D 14 0.94 9.22 2.19
CA ALA D 14 1.92 10.30 2.16
C ALA D 14 1.87 11.10 3.48
N SER D 15 0.65 11.34 3.99
CA SER D 15 0.47 12.08 5.22
C SER D 15 1.25 11.41 6.30
N LEU D 16 1.12 10.09 6.36
CA LEU D 16 1.77 9.27 7.37
C LEU D 16 3.30 9.26 7.22
N ASP D 17 3.78 9.35 5.98
CA ASP D 17 5.21 9.42 5.74
C ASP D 17 5.77 10.79 6.14
N ALA D 18 5.04 11.84 5.76
CA ALA D 18 5.39 13.21 6.09
C ALA D 18 5.41 13.40 7.57
N GLU D 19 4.34 12.95 8.22
CA GLU D 19 4.26 12.95 9.67
C GLU D 19 5.49 12.34 10.29
N LYS D 20 5.79 11.10 9.92
CA LYS D 20 6.94 10.38 10.46
C LYS D 20 8.25 11.16 10.34
N ALA D 21 8.49 11.75 9.17
CA ALA D 21 9.72 12.50 8.91
C ALA D 21 9.80 13.78 9.69
N GLN D 22 8.77 14.62 9.61
CA GLN D 22 8.83 15.89 10.31
C GLN D 22 8.89 15.61 11.81
N GLY D 23 8.46 14.41 12.18
CA GLY D 23 8.55 13.93 13.54
C GLY D 23 9.97 13.56 14.00
N GLN D 24 10.75 12.88 13.17
CA GLN D 24 12.10 12.50 13.57
C GLN D 24 12.98 13.73 13.50
N LYS D 25 12.58 14.67 12.65
CA LYS D 25 13.35 15.89 12.48
C LYS D 25 13.25 16.72 13.74
N LYS D 26 12.05 16.80 14.29
CA LYS D 26 11.85 17.57 15.50
C LYS D 26 12.64 16.95 16.62
N VAL D 27 12.63 15.62 16.70
CA VAL D 27 13.37 14.95 17.78
C VAL D 27 14.88 15.09 17.67
N GLU D 28 15.45 14.88 16.49
CA GLU D 28 16.89 15.05 16.34
C GLU D 28 17.27 16.47 16.71
N GLU D 29 16.37 17.40 16.44
CA GLU D 29 16.59 18.80 16.75
C GLU D 29 16.70 19.00 18.26
N LEU D 30 15.73 18.45 18.98
CA LEU D 30 15.68 18.61 20.43
C LEU D 30 16.87 17.97 21.11
N GLU D 31 17.29 16.81 20.63
CA GLU D 31 18.49 16.18 21.14
C GLU D 31 19.72 16.93 20.63
N GLY D 32 19.47 18.06 19.97
CA GLY D 32 20.54 18.94 19.53
C GLY D 32 20.78 20.00 20.59
N GLU D 33 19.69 20.54 21.11
CA GLU D 33 19.75 21.49 22.21
C GLU D 33 20.24 20.83 23.50
N ILE D 34 19.57 19.75 23.93
CA ILE D 34 20.04 18.96 25.08
C ILE D 34 21.57 18.74 25.07
N THR D 35 22.04 17.81 24.25
CA THR D 35 23.48 17.57 24.11
C THR D 35 24.28 18.87 24.10
N THR D 36 23.70 19.93 23.54
CA THR D 36 24.35 21.23 23.54
C THR D 36 24.37 21.87 24.92
N LEU D 37 23.31 21.67 25.68
CA LEU D 37 23.25 22.26 27.01
C LEU D 37 24.01 21.43 28.04
N ASN D 38 24.04 20.11 27.89
CA ASN D 38 24.78 19.26 28.83
C ASN D 38 26.26 19.60 28.85
N HIS D 39 26.84 19.72 27.66
CA HIS D 39 28.22 20.18 27.54
C HIS D 39 28.32 21.61 28.04
N LYS D 40 27.30 22.42 27.75
CA LYS D 40 27.27 23.82 28.16
C LYS D 40 27.08 23.95 29.67
N LEU D 41 26.37 23.01 30.27
CA LEU D 41 26.18 22.99 31.72
C LEU D 41 27.42 22.48 32.40
N GLN D 42 27.87 21.29 32.01
CA GLN D 42 29.09 20.72 32.57
C GLN D 42 30.28 21.61 32.24
N ASP D 43 30.29 22.17 31.03
CA ASP D 43 31.27 23.20 30.69
C ASP D 43 30.91 24.48 31.41
N ALA D 44 31.92 25.28 31.73
CA ALA D 44 31.72 26.52 32.47
C ALA D 44 31.14 26.28 33.86
N SER D 45 29.87 25.88 33.94
CA SER D 45 29.28 25.65 35.25
C SER D 45 30.14 24.76 36.12
N ALA D 46 30.42 23.55 35.65
CA ALA D 46 31.26 22.66 36.43
C ALA D 46 32.64 23.28 36.62
N GLU D 47 33.12 24.00 35.60
CA GLU D 47 34.47 24.54 35.63
C GLU D 47 34.66 25.91 36.29
N VAL D 48 33.82 26.88 35.99
CA VAL D 48 33.88 28.12 36.75
C VAL D 48 33.58 27.78 38.20
N GLU D 49 32.79 26.73 38.41
CA GLU D 49 32.49 26.24 39.76
C GLU D 49 33.70 25.53 40.37
N ARG D 50 34.45 24.80 39.55
CA ARG D 50 35.70 24.20 40.00
C ARG D 50 36.71 25.30 40.32
N LEU D 51 36.77 26.28 39.42
CA LEU D 51 37.53 27.51 39.63
C LEU D 51 37.08 28.21 40.92
N ARG D 52 35.76 28.30 41.10
CA ARG D 52 35.17 29.09 42.16
C ARG D 52 35.60 28.66 43.57
N ARG D 53 35.57 27.36 43.85
CA ARG D 53 36.01 26.87 45.14
C ARG D 53 37.51 27.11 45.29
N GLU D 54 38.21 27.03 44.16
CA GLU D 54 39.66 27.24 44.11
C GLU D 54 40.04 28.67 44.50
N ASN D 55 39.53 29.64 43.75
CA ASN D 55 39.90 31.04 43.96
C ASN D 55 38.72 31.90 44.37
N GLN D 56 38.20 31.63 45.57
CA GLN D 56 37.07 32.37 46.13
C GLN D 56 36.98 33.80 45.60
N ALA E 2 6.81 6.82 -7.64
CA ALA E 2 6.31 5.71 -6.80
C ALA E 2 4.86 5.37 -7.13
N ALA E 3 4.52 5.54 -8.40
CA ALA E 3 3.21 5.16 -8.88
C ALA E 3 3.05 3.67 -8.70
N THR E 4 4.11 2.91 -8.97
CA THR E 4 4.04 1.46 -9.05
C THR E 4 3.58 0.84 -7.76
N CYS E 5 3.93 1.46 -6.66
CA CYS E 5 3.60 0.88 -5.37
C CYS E 5 2.18 1.26 -4.92
N ASN E 6 1.67 2.38 -5.41
CA ASN E 6 0.27 2.77 -5.22
C ASN E 6 -0.59 1.85 -6.06
N HIS E 7 -0.17 1.69 -7.33
CA HIS E 7 -0.79 0.70 -8.18
C HIS E 7 -0.95 -0.67 -7.50
N THR E 8 0.11 -1.19 -6.90
CA THR E 8 0.03 -2.51 -6.31
C THR E 8 -0.93 -2.54 -5.14
N VAL E 9 -0.85 -1.53 -4.30
CA VAL E 9 -1.82 -1.32 -3.23
C VAL E 9 -3.29 -1.39 -3.66
N ALA E 11 -4.39 -2.72 -6.45
CA ALA E 11 -4.58 -4.02 -7.07
C ALA E 11 -4.86 -5.01 -5.95
N LEU E 12 -4.10 -4.92 -4.87
CA LEU E 12 -4.32 -5.78 -3.74
C LEU E 12 -5.72 -5.61 -3.10
N ALA E 14 -8.37 -4.56 -4.42
CA ALA E 14 -9.36 -5.12 -5.33
C ALA E 14 -9.40 -6.66 -5.20
N SER E 15 -8.23 -7.30 -5.32
CA SER E 15 -8.09 -8.74 -5.09
C SER E 15 -8.78 -9.25 -3.80
N LEU E 16 -8.56 -8.55 -2.69
CA LEU E 16 -9.16 -8.90 -1.42
C LEU E 16 -10.68 -8.79 -1.49
N ASP E 17 -11.19 -7.70 -2.08
CA ASP E 17 -12.63 -7.56 -2.24
C ASP E 17 -13.15 -8.77 -2.98
N ALA E 18 -12.36 -9.23 -3.94
CA ALA E 18 -12.82 -10.28 -4.84
C ALA E 18 -12.79 -11.60 -4.10
N GLU E 19 -11.78 -11.77 -3.25
CA GLU E 19 -11.68 -12.94 -2.41
C GLU E 19 -12.84 -12.99 -1.43
N LYS E 20 -13.09 -11.86 -0.77
CA LYS E 20 -14.18 -11.78 0.19
C LYS E 20 -15.50 -12.17 -0.46
N ALA E 21 -15.72 -11.70 -1.69
CA ALA E 21 -16.97 -12.04 -2.38
C ALA E 21 -17.08 -13.53 -2.71
N GLN E 22 -16.02 -14.15 -3.23
CA GLN E 22 -16.12 -15.54 -3.63
C GLN E 22 -16.39 -16.40 -2.39
N GLY E 23 -15.73 -16.07 -1.28
CA GLY E 23 -15.91 -16.81 -0.05
C GLY E 23 -17.33 -16.73 0.47
N GLN E 24 -17.88 -15.53 0.54
CA GLN E 24 -19.23 -15.40 1.01
C GLN E 24 -20.12 -16.24 0.11
N LYS E 25 -19.94 -16.14 -1.20
CA LYS E 25 -20.83 -16.85 -2.10
C LYS E 25 -20.79 -18.38 -1.84
N LYS E 26 -19.58 -18.92 -1.66
CA LYS E 26 -19.38 -20.33 -1.47
C LYS E 26 -20.00 -20.74 -0.15
N VAL E 27 -19.76 -19.96 0.89
CA VAL E 27 -20.36 -20.25 2.17
C VAL E 27 -21.87 -20.28 2.06
N GLU E 28 -22.49 -19.35 1.36
CA GLU E 28 -23.93 -19.41 1.23
C GLU E 28 -24.42 -20.68 0.54
N GLU E 29 -23.70 -21.11 -0.50
CA GLU E 29 -24.09 -22.31 -1.20
C GLU E 29 -24.07 -23.48 -0.22
N LEU E 30 -23.01 -23.56 0.56
CA LEU E 30 -22.85 -24.69 1.44
C LEU E 30 -23.91 -24.63 2.54
N GLU E 31 -24.20 -23.43 3.02
CA GLU E 31 -25.20 -23.26 4.06
C GLU E 31 -26.59 -23.62 3.53
N GLY E 32 -26.81 -23.32 2.26
CA GLY E 32 -28.01 -23.77 1.56
C GLY E 32 -28.20 -25.27 1.55
N GLU E 33 -27.14 -26.02 1.23
CA GLU E 33 -27.20 -27.48 1.23
C GLU E 33 -27.55 -27.97 2.62
N ILE E 34 -26.75 -27.56 3.60
CA ILE E 34 -26.95 -27.97 4.98
C ILE E 34 -28.40 -27.79 5.41
N THR E 35 -28.97 -26.64 5.10
CA THR E 35 -30.36 -26.39 5.48
C THR E 35 -31.27 -27.41 4.80
N THR E 36 -31.01 -27.71 3.54
CA THR E 36 -31.79 -28.73 2.82
C THR E 36 -31.65 -30.11 3.44
N LEU E 37 -30.42 -30.53 3.71
CA LEU E 37 -30.16 -31.83 4.29
C LEU E 37 -30.82 -31.97 5.67
N ASN E 38 -30.75 -30.93 6.50
CA ASN E 38 -31.40 -30.95 7.82
C ASN E 38 -32.89 -31.11 7.69
N HIS E 39 -33.48 -30.52 6.66
CA HIS E 39 -34.90 -30.74 6.43
C HIS E 39 -35.16 -32.20 6.04
N LYS E 40 -34.54 -32.69 4.97
CA LYS E 40 -34.85 -34.07 4.58
C LYS E 40 -34.41 -35.15 5.58
N LEU E 41 -33.69 -34.75 6.62
CA LEU E 41 -33.34 -35.64 7.75
C LEU E 41 -34.39 -35.55 8.85
N GLN E 42 -35.01 -34.39 9.01
CA GLN E 42 -36.07 -34.30 9.98
C GLN E 42 -37.20 -35.20 9.47
N ASP E 43 -37.40 -35.20 8.15
CA ASP E 43 -38.44 -36.03 7.55
C ASP E 43 -38.20 -37.52 7.75
N ALA E 44 -37.05 -38.00 7.25
CA ALA E 44 -36.73 -39.42 7.33
C ALA E 44 -36.79 -39.96 8.76
N SER E 45 -36.45 -39.11 9.72
CA SER E 45 -36.42 -39.53 11.10
C SER E 45 -37.82 -39.75 11.64
N ALA E 46 -38.74 -38.84 11.27
CA ALA E 46 -40.13 -38.88 11.69
C ALA E 46 -40.86 -40.04 11.03
N GLU E 47 -40.36 -40.46 9.88
CA GLU E 47 -40.90 -41.64 9.24
C GLU E 47 -40.45 -42.90 9.97
N VAL E 48 -39.19 -42.93 10.39
CA VAL E 48 -38.64 -44.02 11.19
C VAL E 48 -39.37 -44.14 12.52
N GLU E 49 -39.80 -43.00 13.05
CA GLU E 49 -40.52 -43.02 14.30
C GLU E 49 -41.94 -43.54 14.06
N ARG E 50 -42.48 -43.26 12.88
CA ARG E 50 -43.79 -43.76 12.50
C ARG E 50 -43.75 -45.27 12.29
N LEU E 51 -42.71 -45.73 11.61
CA LEU E 51 -42.53 -47.15 11.31
C LEU E 51 -42.22 -48.03 12.53
N ARG E 52 -41.61 -47.42 13.53
CA ARG E 52 -41.22 -48.09 14.75
C ARG E 52 -42.42 -48.22 15.70
N ARG E 53 -43.22 -47.17 15.77
CA ARG E 53 -44.48 -47.21 16.46
C ARG E 53 -45.38 -48.27 15.86
N GLU E 54 -45.52 -48.25 14.54
CA GLU E 54 -46.35 -49.23 13.85
C GLU E 54 -45.86 -50.65 14.09
N ASN E 55 -44.56 -50.83 13.95
CA ASN E 55 -43.92 -52.10 14.24
C ASN E 55 -44.34 -52.66 15.60
N GLN E 56 -44.34 -51.81 16.61
CA GLN E 56 -44.76 -52.22 17.95
C GLN E 56 -46.22 -52.67 17.99
N VAL E 57 -47.08 -51.91 17.34
CA VAL E 57 -48.50 -52.21 17.22
C VAL E 57 -48.75 -53.56 16.57
N LEU E 58 -47.93 -53.91 15.58
CA LEU E 58 -48.16 -55.10 14.81
C LEU E 58 -47.51 -56.31 15.43
N SER E 59 -46.71 -56.11 16.47
CA SER E 59 -46.08 -57.26 17.09
C SER E 59 -46.72 -57.51 18.44
N VAL E 60 -47.70 -56.69 18.77
CA VAL E 60 -48.55 -56.88 19.94
C VAL E 60 -49.87 -57.52 19.51
N ALA F 3 8.03 4.68 2.65
CA ALA F 3 7.85 3.44 3.40
C ALA F 3 6.43 3.16 3.86
N THR F 4 5.54 4.14 3.91
CA THR F 4 4.23 3.76 4.40
C THR F 4 3.55 2.86 3.36
N CYS F 5 3.69 3.19 2.08
CA CYS F 5 3.17 2.33 1.01
C CYS F 5 3.80 0.91 1.05
N ASN F 6 5.12 0.81 1.14
CA ASN F 6 5.75 -0.48 1.33
C ASN F 6 5.13 -1.28 2.47
N HIS F 7 4.88 -0.64 3.62
CA HIS F 7 4.36 -1.42 4.74
C HIS F 7 2.94 -1.83 4.44
N THR F 8 2.23 -1.02 3.68
CA THR F 8 0.85 -1.36 3.40
C THR F 8 0.78 -2.52 2.42
N VAL F 9 1.64 -2.47 1.41
CA VAL F 9 1.74 -3.60 0.52
C VAL F 9 1.93 -4.89 1.30
N ALA F 11 1.14 -5.42 4.34
CA ALA F 11 -0.04 -5.70 5.12
C ALA F 11 -1.11 -6.30 4.22
N LEU F 12 -1.35 -5.73 3.05
CA LEU F 12 -2.41 -6.27 2.22
C LEU F 12 -2.11 -7.71 1.81
N ALA F 14 -0.50 -9.93 3.36
CA ALA F 14 -0.65 -10.81 4.51
C ALA F 14 -2.12 -11.04 4.74
N SER F 15 -2.85 -9.94 4.70
CA SER F 15 -4.29 -9.89 4.90
C SER F 15 -4.98 -10.84 3.94
N LEU F 16 -4.48 -10.87 2.71
CA LEU F 16 -5.01 -11.71 1.67
C LEU F 16 -4.73 -13.17 1.98
N ASP F 17 -3.54 -13.49 2.46
CA ASP F 17 -3.26 -14.88 2.81
C ASP F 17 -4.23 -15.33 3.89
N ALA F 18 -4.43 -14.45 4.88
CA ALA F 18 -5.32 -14.72 6.00
C ALA F 18 -6.72 -15.00 5.52
N GLU F 19 -7.27 -14.08 4.74
CA GLU F 19 -8.57 -14.27 4.12
C GLU F 19 -8.69 -15.62 3.47
N LYS F 20 -7.79 -15.92 2.55
CA LYS F 20 -7.82 -17.21 1.87
C LYS F 20 -7.83 -18.37 2.88
N ALA F 21 -7.05 -18.27 3.94
CA ALA F 21 -7.02 -19.34 4.93
C ALA F 21 -8.29 -19.44 5.79
N GLN F 22 -8.75 -18.31 6.35
CA GLN F 22 -10.05 -18.28 7.01
C GLN F 22 -11.13 -18.85 6.09
N GLY F 23 -11.14 -18.39 4.85
CA GLY F 23 -12.06 -18.91 3.86
C GLY F 23 -12.13 -20.43 3.82
N GLN F 24 -10.99 -21.10 3.69
CA GLN F 24 -11.08 -22.52 3.41
C GLN F 24 -11.22 -23.36 4.67
N LYS F 25 -10.83 -22.80 5.80
CA LYS F 25 -11.13 -23.43 7.06
C LYS F 25 -12.65 -23.53 7.11
N LYS F 26 -13.31 -22.39 6.97
CA LYS F 26 -14.77 -22.33 7.08
C LYS F 26 -15.45 -23.26 6.09
N VAL F 27 -14.96 -23.31 4.87
CA VAL F 27 -15.53 -24.21 3.86
C VAL F 27 -15.39 -25.69 4.21
N GLU F 28 -14.25 -26.06 4.79
CA GLU F 28 -14.10 -27.45 5.19
C GLU F 28 -14.90 -27.77 6.47
N GLU F 29 -15.01 -26.83 7.40
CA GLU F 29 -15.99 -26.99 8.47
C GLU F 29 -17.35 -27.33 7.85
N LEU F 30 -17.76 -26.54 6.87
CA LEU F 30 -19.08 -26.73 6.30
C LEU F 30 -19.21 -28.05 5.53
N GLU F 31 -18.20 -28.40 4.75
CA GLU F 31 -18.28 -29.66 4.02
C GLU F 31 -18.30 -30.82 5.01
N GLY F 32 -17.70 -30.58 6.17
CA GLY F 32 -17.63 -31.60 7.20
C GLY F 32 -19.02 -31.86 7.71
N GLU F 33 -19.81 -30.81 7.91
CA GLU F 33 -21.17 -30.94 8.38
C GLU F 33 -22.05 -31.60 7.35
N ILE F 34 -21.78 -31.31 6.08
CA ILE F 34 -22.54 -31.91 5.00
C ILE F 34 -22.28 -33.40 4.98
N THR F 35 -21.02 -33.81 5.17
CA THR F 35 -20.72 -35.23 5.14
C THR F 35 -21.45 -35.93 6.29
N THR F 36 -21.34 -35.38 7.48
CA THR F 36 -22.06 -35.92 8.60
C THR F 36 -23.57 -36.06 8.31
N LEU F 37 -24.17 -35.00 7.76
CA LEU F 37 -25.58 -35.01 7.39
C LEU F 37 -25.96 -36.14 6.44
N ASN F 38 -25.16 -36.37 5.42
CA ASN F 38 -25.38 -37.50 4.51
C ASN F 38 -25.28 -38.87 5.19
N HIS F 39 -24.31 -39.04 6.10
CA HIS F 39 -24.20 -40.27 6.88
C HIS F 39 -25.49 -40.54 7.66
N LYS F 40 -26.03 -39.51 8.29
CA LYS F 40 -27.28 -39.65 9.02
C LYS F 40 -28.43 -39.90 8.06
N LEU F 41 -28.42 -39.20 6.93
CA LEU F 41 -29.51 -39.34 6.01
C LEU F 41 -29.49 -40.72 5.40
N GLN F 42 -28.29 -41.27 5.20
CA GLN F 42 -28.16 -42.64 4.70
C GLN F 42 -28.67 -43.66 5.73
N ASP F 43 -28.16 -43.57 6.95
CA ASP F 43 -28.67 -44.36 8.08
C ASP F 43 -30.20 -44.33 8.24
N ALA F 44 -30.79 -43.15 8.35
CA ALA F 44 -32.22 -43.05 8.58
C ALA F 44 -33.04 -43.69 7.45
N SER F 45 -32.47 -43.68 6.25
CA SER F 45 -33.18 -44.22 5.10
C SER F 45 -33.07 -45.74 5.02
N ALA F 46 -31.99 -46.27 5.56
CA ALA F 46 -31.80 -47.71 5.62
C ALA F 46 -32.69 -48.29 6.70
N GLU F 47 -32.90 -47.49 7.75
CA GLU F 47 -33.81 -47.86 8.81
C GLU F 47 -35.24 -47.82 8.31
N VAL F 48 -35.58 -46.78 7.56
CA VAL F 48 -36.90 -46.75 6.93
C VAL F 48 -37.08 -47.98 6.04
N GLU F 49 -36.02 -48.34 5.33
CA GLU F 49 -36.07 -49.52 4.46
C GLU F 49 -36.38 -50.79 5.29
N ARG F 50 -35.50 -51.09 6.24
CA ARG F 50 -35.64 -52.24 7.11
C ARG F 50 -37.03 -52.30 7.73
N LEU F 51 -37.38 -51.28 8.49
CA LEU F 51 -38.69 -51.18 9.10
C LEU F 51 -39.90 -51.45 8.19
N ARG F 52 -39.79 -51.12 6.91
CA ARG F 52 -40.90 -51.38 6.00
C ARG F 52 -41.04 -52.87 5.68
N ARG F 53 -40.00 -53.48 5.15
CA ARG F 53 -40.07 -54.90 4.85
C ARG F 53 -40.33 -55.72 6.11
N GLU F 54 -39.83 -55.25 7.26
CA GLU F 54 -40.12 -55.93 8.52
C GLU F 54 -41.60 -55.84 8.93
N ASN F 55 -42.19 -54.68 8.69
CA ASN F 55 -43.61 -54.44 8.94
C ASN F 55 -44.49 -55.18 7.95
N GLN F 56 -43.94 -55.48 6.78
CA GLN F 56 -44.71 -56.14 5.75
C GLN F 56 -44.97 -57.60 6.10
N VAL F 57 -43.97 -58.26 6.67
CA VAL F 57 -44.14 -59.66 7.05
C VAL F 57 -45.06 -59.81 8.26
N LEU F 58 -44.89 -58.94 9.26
CA LEU F 58 -45.72 -58.99 10.47
C LEU F 58 -47.21 -58.80 10.14
N SER F 59 -47.50 -57.79 9.34
CA SER F 59 -48.87 -57.46 8.97
C SER F 59 -49.56 -58.65 8.30
N VAL F 60 -48.80 -59.37 7.49
CA VAL F 60 -49.30 -60.56 6.81
C VAL F 60 -49.53 -61.74 7.77
N ARG F 61 -48.55 -61.98 8.64
CA ARG F 61 -48.65 -63.06 9.64
C ARG F 61 -47.99 -62.65 10.96
N ALA G 2 8.03 -14.59 5.72
CA ALA G 2 8.53 -14.73 4.36
C ALA G 2 9.17 -13.44 3.88
N ALA G 3 10.13 -12.95 4.66
CA ALA G 3 10.80 -11.70 4.36
C ALA G 3 11.56 -11.66 3.01
N THR G 4 12.16 -12.75 2.54
CA THR G 4 12.82 -12.64 1.25
C THR G 4 11.83 -12.17 0.17
N CYS G 5 10.68 -12.82 0.11
CA CYS G 5 9.70 -12.43 -0.88
C CYS G 5 9.31 -10.95 -0.72
N ASN G 6 8.98 -10.50 0.48
CA ASN G 6 8.68 -9.08 0.74
C ASN G 6 9.75 -8.13 0.27
N HIS G 7 11.01 -8.47 0.55
CA HIS G 7 12.11 -7.62 0.11
C HIS G 7 12.14 -7.64 -1.42
N THR G 8 11.85 -8.79 -1.99
CA THR G 8 11.89 -8.86 -3.43
C THR G 8 10.80 -8.01 -4.06
N VAL G 9 9.56 -8.18 -3.58
CA VAL G 9 8.42 -7.38 -4.05
C VAL G 9 8.77 -5.90 -3.98
N ALA G 11 11.61 -4.48 -4.12
CA ALA G 11 12.74 -4.10 -4.95
C ALA G 11 12.25 -4.01 -6.36
N LEU G 12 11.44 -4.99 -6.75
CA LEU G 12 10.81 -4.98 -8.05
C LEU G 12 9.96 -3.70 -8.21
N ALA G 14 10.47 -0.77 -7.11
CA ALA G 14 11.36 0.36 -7.33
C ALA G 14 11.95 0.27 -8.74
N SER G 15 12.37 -0.94 -9.09
CA SER G 15 12.90 -1.21 -10.41
C SER G 15 11.96 -0.77 -11.49
N LEU G 16 10.71 -1.19 -11.41
CA LEU G 16 9.71 -0.78 -12.39
C LEU G 16 9.47 0.74 -12.46
N ASP G 17 9.59 1.47 -11.35
CA ASP G 17 9.55 2.95 -11.38
C ASP G 17 10.74 3.49 -12.17
N ALA G 18 11.93 2.96 -11.89
CA ALA G 18 13.15 3.42 -12.53
C ALA G 18 13.02 3.07 -13.99
N GLU G 19 12.49 1.89 -14.27
CA GLU G 19 12.32 1.54 -15.66
C GLU G 19 11.43 2.54 -16.39
N LYS G 20 10.25 2.85 -15.84
CA LYS G 20 9.34 3.75 -16.52
C LYS G 20 9.97 5.11 -16.73
N ALA G 21 10.62 5.60 -15.69
CA ALA G 21 11.27 6.90 -15.72
C ALA G 21 12.30 6.98 -16.83
N GLN G 22 13.22 6.01 -16.92
CA GLN G 22 14.28 6.14 -17.90
C GLN G 22 13.64 5.93 -19.25
N GLY G 23 12.70 5.00 -19.29
CA GLY G 23 11.94 4.77 -20.50
C GLY G 23 11.39 6.01 -21.13
N GLN G 24 10.73 6.90 -20.40
CA GLN G 24 10.13 8.03 -21.10
C GLN G 24 11.09 9.20 -21.36
N LYS G 25 12.15 9.29 -20.56
CA LYS G 25 13.16 10.33 -20.73
C LYS G 25 13.81 10.07 -22.08
N LYS G 26 14.04 8.79 -22.37
CA LYS G 26 14.63 8.40 -23.64
C LYS G 26 13.70 8.75 -24.79
N VAL G 27 12.44 8.37 -24.67
CA VAL G 27 11.46 8.66 -25.71
C VAL G 27 11.26 10.16 -25.94
N GLU G 28 11.39 10.98 -24.89
CA GLU G 28 11.23 12.41 -25.08
C GLU G 28 12.42 12.96 -25.85
N GLU G 29 13.61 12.61 -25.40
CA GLU G 29 14.80 13.03 -26.10
C GLU G 29 14.68 12.60 -27.57
N LEU G 30 14.23 11.38 -27.81
CA LEU G 30 14.16 10.89 -29.18
C LEU G 30 13.13 11.65 -29.98
N GLU G 31 11.98 11.93 -29.38
CA GLU G 31 10.92 12.65 -30.07
C GLU G 31 11.36 14.07 -30.40
N GLY G 32 12.18 14.63 -29.52
CA GLY G 32 12.82 15.90 -29.77
C GLY G 32 13.62 15.86 -31.07
N GLU G 33 14.58 14.94 -31.14
CA GLU G 33 15.39 14.77 -32.33
C GLU G 33 14.54 14.68 -33.56
N ILE G 34 13.37 14.07 -33.43
CA ILE G 34 12.50 13.95 -34.59
C ILE G 34 11.91 15.30 -35.01
N THR G 35 11.43 16.08 -34.04
CA THR G 35 10.92 17.41 -34.37
C THR G 35 11.97 18.28 -35.07
N THR G 36 13.19 18.31 -34.56
CA THR G 36 14.28 19.04 -35.19
C THR G 36 14.57 18.59 -36.63
N LEU G 37 14.79 17.29 -36.84
CA LEU G 37 14.99 16.79 -38.20
C LEU G 37 13.83 17.24 -39.08
N ASN G 38 12.60 17.07 -38.61
CA ASN G 38 11.47 17.50 -39.43
C ASN G 38 11.60 18.92 -39.95
N HIS G 39 11.92 19.84 -39.04
CA HIS G 39 12.07 21.24 -39.39
C HIS G 39 13.17 21.45 -40.46
N LYS G 40 14.29 20.76 -40.28
CA LYS G 40 15.43 20.91 -41.17
C LYS G 40 15.12 20.37 -42.55
N LEU G 41 14.41 19.24 -42.57
CA LEU G 41 13.99 18.66 -43.85
C LEU G 41 12.92 19.52 -44.52
N GLN G 42 12.01 20.05 -43.72
CA GLN G 42 11.01 21.01 -44.20
C GLN G 42 11.70 22.15 -44.96
N ASP G 43 12.79 22.66 -44.40
CA ASP G 43 13.51 23.78 -44.99
C ASP G 43 14.30 23.40 -46.26
N ALA G 44 15.14 22.39 -46.16
CA ALA G 44 15.88 21.90 -47.31
C ALA G 44 14.91 21.66 -48.47
N SER G 45 13.78 21.04 -48.17
CA SER G 45 12.79 20.77 -49.20
C SER G 45 12.28 22.07 -49.83
N ALA G 46 12.12 23.10 -49.01
CA ALA G 46 11.66 24.41 -49.47
C ALA G 46 12.71 25.17 -50.27
N GLU G 47 13.92 25.31 -49.71
CA GLU G 47 15.00 25.98 -50.40
C GLU G 47 15.18 25.41 -51.81
N VAL G 48 15.00 24.10 -51.95
CA VAL G 48 15.10 23.46 -53.26
C VAL G 48 14.11 24.04 -54.26
N GLU G 49 12.84 24.07 -53.88
CA GLU G 49 11.81 24.58 -54.78
C GLU G 49 12.05 26.04 -55.10
N ARG G 50 12.69 26.75 -54.17
CA ARG G 50 12.99 28.17 -54.35
C ARG G 50 14.18 28.40 -55.29
N LEU G 51 15.08 27.43 -55.36
CA LEU G 51 16.20 27.49 -56.30
C LEU G 51 15.81 26.97 -57.67
N ARG G 52 14.91 26.00 -57.72
CA ARG G 52 14.48 25.45 -58.99
C ARG G 52 13.76 26.52 -59.82
N ARG G 53 12.95 28.36 -57.86
CA ARG G 53 12.44 29.26 -58.88
C ARG G 53 13.47 30.26 -59.37
N GLU G 54 14.49 30.50 -58.56
CA GLU G 54 15.65 31.22 -59.05
C GLU G 54 16.44 30.33 -59.97
N ASN G 55 15.97 30.23 -61.21
CA ASN G 55 16.62 29.40 -62.21
C ASN G 55 15.75 29.31 -63.48
N ALA H 3 0.81 -18.64 -2.37
CA ALA H 3 0.73 -17.55 -1.42
C ALA H 3 0.83 -16.18 -2.10
N THR H 4 0.28 -15.20 -1.43
CA THR H 4 0.01 -13.97 -2.07
C THR H 4 1.29 -13.32 -2.52
N CYS H 5 2.36 -13.45 -1.74
CA CYS H 5 3.57 -12.71 -2.06
C CYS H 5 4.23 -13.22 -3.32
N ASN H 6 4.29 -14.53 -3.43
CA ASN H 6 4.76 -15.24 -4.63
C ASN H 6 4.03 -14.78 -5.87
N HIS H 7 2.70 -14.83 -5.82
CA HIS H 7 1.88 -14.40 -6.95
C HIS H 7 2.21 -13.01 -7.34
N THR H 8 2.45 -12.17 -6.34
CA THR H 8 2.71 -10.78 -6.59
C THR H 8 4.05 -10.55 -7.27
N VAL H 9 5.09 -11.20 -6.78
CA VAL H 9 6.43 -11.21 -7.41
C VAL H 9 6.43 -11.65 -8.86
N ALA H 11 3.84 -11.43 -10.88
CA ALA H 11 3.18 -10.36 -11.60
C ALA H 11 4.16 -9.21 -11.90
N LEU H 12 4.89 -8.77 -10.88
CA LEU H 12 5.87 -7.72 -11.09
C LEU H 12 6.99 -8.05 -12.08
N ALA H 14 6.72 -10.05 -14.57
CA ALA H 14 6.10 -10.04 -15.88
C ALA H 14 5.85 -8.57 -16.32
N SER H 15 5.44 -7.76 -15.35
CA SER H 15 5.04 -6.40 -15.64
C SER H 15 6.24 -5.54 -16.05
N LEU H 16 7.36 -5.80 -15.39
CA LEU H 16 8.63 -5.17 -15.70
C LEU H 16 9.22 -5.63 -17.04
N ASP H 17 9.05 -6.90 -17.36
CA ASP H 17 9.45 -7.42 -18.66
C ASP H 17 8.68 -6.68 -19.74
N ALA H 18 7.37 -6.56 -19.54
CA ALA H 18 6.48 -5.86 -20.46
C ALA H 18 6.88 -4.42 -20.62
N GLU H 19 7.10 -3.73 -19.53
CA GLU H 19 7.53 -2.34 -19.61
C GLU H 19 8.79 -2.19 -20.46
N LYS H 20 9.76 -3.08 -20.25
CA LYS H 20 11.06 -3.02 -20.91
C LYS H 20 10.95 -3.25 -22.40
N ALA H 21 10.03 -4.15 -22.76
CA ALA H 21 9.84 -4.55 -24.13
C ALA H 21 9.04 -3.51 -24.90
N GLN H 22 7.98 -2.99 -24.31
CA GLN H 22 7.24 -1.93 -24.97
C GLN H 22 8.15 -0.71 -25.21
N GLY H 23 9.09 -0.50 -24.31
CA GLY H 23 10.00 0.61 -24.40
C GLY H 23 11.10 0.42 -25.42
N GLN H 24 11.65 -0.78 -25.48
CA GLN H 24 12.67 -1.09 -26.46
C GLN H 24 12.12 -0.92 -27.87
N LYS H 25 10.88 -1.35 -28.06
CA LYS H 25 10.25 -1.28 -29.38
C LYS H 25 9.91 0.15 -29.76
N LYS H 26 9.45 0.95 -28.80
CA LYS H 26 9.22 2.36 -29.04
C LYS H 26 10.50 3.05 -29.47
N VAL H 27 11.62 2.79 -28.79
CA VAL H 27 12.87 3.43 -29.17
C VAL H 27 13.28 3.02 -30.58
N GLU H 28 13.22 1.72 -30.81
CA GLU H 28 13.63 1.15 -32.08
C GLU H 28 12.86 1.84 -33.21
N GLU H 29 11.57 2.02 -33.01
CA GLU H 29 10.72 2.73 -33.95
C GLU H 29 11.25 4.13 -34.20
N LEU H 30 11.41 4.87 -33.11
CA LEU H 30 11.89 6.23 -33.16
C LEU H 30 13.28 6.36 -33.75
N GLU H 31 14.11 5.34 -33.58
CA GLU H 31 15.47 5.43 -34.08
C GLU H 31 15.49 5.15 -35.57
N GLY H 32 14.46 4.44 -36.02
CA GLY H 32 14.31 4.12 -37.42
C GLY H 32 13.83 5.33 -38.19
N GLU H 33 12.92 6.08 -37.58
CA GLU H 33 12.46 7.34 -38.14
C GLU H 33 13.64 8.31 -38.28
N ILE H 34 14.40 8.49 -37.19
CA ILE H 34 15.57 9.33 -37.23
C ILE H 34 16.53 8.90 -38.32
N THR H 35 16.61 7.61 -38.58
CA THR H 35 17.46 7.11 -39.67
C THR H 35 16.94 7.59 -41.03
N THR H 36 15.71 7.19 -41.36
CA THR H 36 15.06 7.70 -42.55
C THR H 36 15.35 9.19 -42.73
N LEU H 37 14.87 10.01 -41.78
CA LEU H 37 15.00 11.46 -41.86
C LEU H 37 16.43 11.97 -42.10
N ASN H 38 17.42 11.46 -41.37
CA ASN H 38 18.80 11.92 -41.58
C ASN H 38 19.27 11.64 -42.98
N HIS H 39 18.78 10.56 -43.56
CA HIS H 39 19.11 10.24 -44.94
C HIS H 39 18.42 11.27 -45.82
N LYS H 40 17.09 11.27 -45.83
CA LYS H 40 16.39 12.19 -46.72
C LYS H 40 16.66 13.68 -46.42
N LEU H 41 17.26 13.98 -45.27
CA LEU H 41 17.72 15.33 -45.03
C LEU H 41 18.95 15.63 -45.87
N GLN H 42 19.83 14.65 -45.98
CA GLN H 42 21.09 14.82 -46.68
C GLN H 42 20.85 14.80 -48.18
N ASP H 43 19.89 13.98 -48.61
CA ASP H 43 19.46 13.95 -50.00
C ASP H 43 19.02 15.35 -50.42
N ALA H 44 17.94 15.85 -49.82
CA ALA H 44 17.53 17.22 -50.07
C ALA H 44 18.71 18.18 -49.87
N SER H 45 19.54 17.93 -48.88
CA SER H 45 20.62 18.88 -48.56
C SER H 45 21.65 19.00 -49.68
N ALA H 46 22.04 17.87 -50.25
CA ALA H 46 22.96 17.88 -51.39
C ALA H 46 22.31 18.53 -52.60
N GLU H 47 21.05 18.20 -52.85
CA GLU H 47 20.27 18.83 -53.91
C GLU H 47 20.29 20.35 -53.77
N VAL H 48 20.15 20.86 -52.56
CA VAL H 48 20.21 22.31 -52.34
C VAL H 48 21.62 22.83 -52.58
N GLU H 49 22.61 22.00 -52.31
CA GLU H 49 24.00 22.39 -52.50
C GLU H 49 24.33 22.46 -53.99
N ARG H 50 23.93 21.43 -54.73
CA ARG H 50 24.15 21.41 -56.17
C ARG H 50 23.45 22.57 -56.84
N LEU H 51 22.18 22.80 -56.49
CA LEU H 51 21.46 23.90 -57.11
C LEU H 51 22.07 25.25 -56.76
N ARG H 52 22.34 25.50 -55.48
CA ARG H 52 22.86 26.80 -55.05
C ARG H 52 23.80 27.41 -56.09
N ARG H 53 25.55 25.21 -56.50
CA ARG H 53 26.60 25.92 -57.20
C ARG H 53 26.11 26.39 -58.57
N GLU H 54 25.07 25.73 -59.07
CA GLU H 54 24.53 26.05 -60.39
C GLU H 54 24.07 27.50 -60.48
N ASN H 55 23.34 27.97 -59.46
CA ASN H 55 22.86 29.34 -59.45
C ASN H 55 23.98 30.42 -59.40
N GLN H 56 25.09 30.11 -58.74
CA GLN H 56 26.23 31.02 -58.72
C GLN H 56 26.93 31.07 -60.08
N ALA I 3 -17.47 3.78 14.89
CA ALA I 3 -17.58 5.17 15.27
C ALA I 3 -18.33 5.94 14.20
N THR I 4 -18.93 7.05 14.58
CA THR I 4 -19.79 7.78 13.67
C THR I 4 -18.96 8.52 12.62
N CYS I 5 -17.81 9.00 13.04
CA CYS I 5 -16.91 9.70 12.15
C CYS I 5 -16.50 8.87 10.92
N ASN I 6 -16.15 7.59 11.13
CA ASN I 6 -15.83 6.62 10.10
C ASN I 6 -16.92 6.48 9.07
N HIS I 7 -18.13 6.22 9.51
CA HIS I 7 -19.20 6.03 8.55
C HIS I 7 -19.48 7.34 7.82
N THR I 8 -19.22 8.46 8.47
CA THR I 8 -19.44 9.71 7.79
C THR I 8 -18.43 9.94 6.72
N VAL I 9 -17.17 9.58 6.98
CA VAL I 9 -16.12 9.63 5.95
C VAL I 9 -16.44 8.77 4.74
N ALA I 11 -19.49 7.92 3.76
CA ALA I 11 -20.60 8.52 3.06
C ALA I 11 -20.12 9.66 2.20
N LEU I 12 -19.26 10.50 2.77
CA LEU I 12 -18.68 11.61 2.04
C LEU I 12 -17.88 11.15 0.80
N ALA I 14 -18.29 8.50 -0.96
CA ALA I 14 -19.21 8.03 -1.95
C ALA I 14 -19.97 9.24 -2.54
N SER I 15 -20.20 10.27 -1.72
CA SER I 15 -20.87 11.44 -2.26
C SER I 15 -19.99 12.10 -3.30
N LEU I 16 -18.71 12.26 -2.97
CA LEU I 16 -17.75 12.87 -3.85
C LEU I 16 -17.64 12.09 -5.15
N ASP I 17 -17.67 10.76 -5.07
CA ASP I 17 -17.62 9.98 -6.28
C ASP I 17 -18.85 10.24 -7.12
N ALA I 18 -20.00 10.17 -6.47
CA ALA I 18 -21.28 10.44 -7.13
C ALA I 18 -21.31 11.80 -7.81
N GLU I 19 -20.85 12.82 -7.11
CA GLU I 19 -20.85 14.17 -7.63
C GLU I 19 -19.93 14.34 -8.84
N LYS I 20 -18.72 13.80 -8.77
CA LYS I 20 -17.78 13.86 -9.88
C LYS I 20 -18.35 13.16 -11.11
N ALA I 21 -19.01 12.03 -10.92
CA ALA I 21 -19.58 11.34 -12.09
C ALA I 21 -20.71 12.11 -12.77
N GLN I 22 -21.59 12.74 -11.99
CA GLN I 22 -22.69 13.51 -12.57
C GLN I 22 -22.10 14.65 -13.41
N GLY I 23 -21.08 15.32 -12.85
CA GLY I 23 -20.46 16.46 -13.51
C GLY I 23 -19.80 16.09 -14.81
N GLN I 24 -19.05 14.99 -14.80
CA GLN I 24 -18.44 14.51 -16.02
C GLN I 24 -19.49 14.20 -17.09
N LYS I 25 -20.60 13.59 -16.68
CA LYS I 25 -21.64 13.23 -17.64
C LYS I 25 -22.23 14.49 -18.28
N LYS I 26 -22.56 15.47 -17.45
CA LYS I 26 -23.11 16.72 -17.97
C LYS I 26 -22.12 17.36 -18.94
N VAL I 27 -20.89 17.53 -18.51
CA VAL I 27 -19.86 18.13 -19.34
C VAL I 27 -19.71 17.37 -20.65
N GLU I 28 -19.77 16.05 -20.63
CA GLU I 28 -19.69 15.28 -21.87
C GLU I 28 -20.88 15.52 -22.79
N GLU I 29 -22.06 15.72 -22.20
CA GLU I 29 -23.27 16.01 -22.94
C GLU I 29 -23.13 17.28 -23.73
N LEU I 30 -22.90 18.39 -23.06
CA LEU I 30 -22.88 19.64 -23.81
C LEU I 30 -21.60 19.88 -24.60
N GLU I 31 -20.57 19.07 -24.35
CA GLU I 31 -19.40 19.04 -25.24
C GLU I 31 -19.85 18.53 -26.59
N GLY I 32 -20.64 17.45 -26.56
CA GLY I 32 -21.23 16.90 -27.76
C GLY I 32 -22.02 17.95 -28.51
N GLU I 33 -22.78 18.74 -27.76
CA GLU I 33 -23.52 19.83 -28.38
C GLU I 33 -22.58 20.79 -29.11
N ILE I 34 -21.54 21.25 -28.43
CA ILE I 34 -20.60 22.20 -29.03
C ILE I 34 -19.96 21.69 -30.33
N THR I 35 -19.65 20.41 -30.40
CA THR I 35 -19.06 19.83 -31.60
C THR I 35 -20.08 19.80 -32.74
N THR I 36 -21.29 19.33 -32.45
CA THR I 36 -22.37 19.33 -33.44
C THR I 36 -22.62 20.72 -33.98
N LEU I 37 -22.84 21.64 -33.05
CA LEU I 37 -23.06 23.03 -33.40
C LEU I 37 -21.94 23.47 -34.34
N ASN I 38 -20.70 23.35 -33.89
CA ASN I 38 -19.53 23.65 -34.73
C ASN I 38 -19.60 23.17 -36.19
N HIS I 39 -20.03 21.93 -36.38
CA HIS I 39 -20.16 21.35 -37.71
C HIS I 39 -21.26 22.05 -38.49
N LYS I 40 -22.40 22.28 -37.83
CA LYS I 40 -23.53 22.98 -38.44
C LYS I 40 -23.13 24.37 -38.89
N LEU I 41 -22.28 25.05 -38.10
CA LEU I 41 -21.80 26.37 -38.43
C LEU I 41 -20.71 26.34 -39.51
N GLN I 42 -19.92 25.27 -39.54
CA GLN I 42 -18.95 25.12 -40.61
C GLN I 42 -19.71 24.99 -41.92
N ASP I 43 -20.85 24.32 -41.84
CA ASP I 43 -21.67 24.04 -43.01
C ASP I 43 -22.43 25.25 -43.51
N ALA I 44 -23.16 25.90 -42.60
CA ALA I 44 -23.86 27.12 -42.96
C ALA I 44 -22.89 28.17 -43.48
N SER I 45 -21.70 28.22 -42.90
CA SER I 45 -20.68 29.20 -43.30
C SER I 45 -20.26 28.98 -44.75
N ALA I 46 -20.36 27.73 -45.19
CA ALA I 46 -19.94 27.32 -46.53
C ALA I 46 -21.01 27.56 -47.60
N GLU I 47 -22.26 27.32 -47.22
CA GLU I 47 -23.42 27.64 -48.05
C GLU I 47 -23.59 29.13 -48.19
N VAL I 48 -23.34 29.86 -47.11
CA VAL I 48 -23.31 31.31 -47.21
C VAL I 48 -22.19 31.74 -48.14
N GLU I 49 -21.07 31.01 -48.10
CA GLU I 49 -19.94 31.38 -48.96
C GLU I 49 -20.21 31.19 -50.45
N ARG I 50 -20.70 30.01 -50.84
CA ARG I 50 -20.97 29.74 -52.25
C ARG I 50 -22.16 30.52 -52.77
N LEU I 51 -23.07 30.89 -51.88
CA LEU I 51 -24.21 31.72 -52.28
C LEU I 51 -23.80 33.19 -52.43
N ARG I 52 -22.57 33.51 -52.08
CA ARG I 52 -22.03 34.86 -52.34
C ARG I 52 -21.34 34.89 -53.69
N ARG I 53 -20.49 33.90 -53.94
CA ARG I 53 -19.78 33.81 -55.20
C ARG I 53 -20.72 33.48 -56.36
N GLU I 54 -21.83 32.81 -56.03
CA GLU I 54 -22.87 32.53 -57.01
C GLU I 54 -23.77 33.74 -57.24
N ASN I 55 -24.13 34.42 -56.16
CA ASN I 55 -24.89 35.66 -56.24
C ASN I 55 -24.08 36.74 -56.93
N GLN I 56 -22.79 36.48 -57.10
CA GLN I 56 -21.89 37.46 -57.73
C GLN I 56 -21.87 37.31 -59.24
N VAL I 57 -21.61 36.08 -59.70
CA VAL I 57 -21.60 35.78 -61.13
C VAL I 57 -22.96 35.96 -61.81
N LEU I 58 -24.05 35.85 -61.05
CA LEU I 58 -25.38 36.13 -61.59
C LEU I 58 -25.50 37.62 -61.88
N SER I 59 -24.91 38.41 -60.99
CA SER I 59 -24.62 39.81 -61.27
C SER I 59 -23.55 39.74 -62.32
N VAL I 60 -23.25 40.88 -62.95
CA VAL I 60 -22.20 40.94 -63.96
C VAL I 60 -22.24 39.83 -65.00
N ARG I 61 -23.43 39.24 -65.19
CA ARG I 61 -23.62 38.17 -66.15
C ARG I 61 -24.04 38.72 -67.51
N ALA J 3 -9.01 12.38 15.89
CA ALA J 3 -8.77 13.69 15.27
C ALA J 3 -8.35 13.63 13.80
N THR J 4 -7.65 12.58 13.37
CA THR J 4 -7.38 12.45 11.93
C THR J 4 -8.70 12.35 11.18
N CYS J 5 -9.55 11.45 11.65
CA CYS J 5 -10.85 11.25 11.04
C CYS J 5 -11.64 12.56 10.91
N ASN J 6 -11.60 13.36 11.95
CA ASN J 6 -12.17 14.71 11.97
C ASN J 6 -11.59 15.64 10.91
N HIS J 7 -10.26 15.62 10.76
CA HIS J 7 -9.62 16.49 9.77
C HIS J 7 -10.02 16.00 8.39
N THR J 8 -10.32 14.71 8.30
CA THR J 8 -10.69 14.15 7.03
C THR J 8 -12.15 14.39 6.64
N VAL J 9 -13.06 14.46 7.63
CA VAL J 9 -14.44 14.81 7.35
C VAL J 9 -14.50 16.23 6.83
N ALA J 11 -12.05 18.04 5.34
CA ALA J 11 -11.50 18.17 4.01
C ALA J 11 -12.54 17.67 3.00
N LEU J 12 -13.03 16.45 3.13
CA LEU J 12 -14.05 15.95 2.24
C LEU J 12 -15.20 16.94 2.00
N ALA J 14 -15.18 20.27 2.44
CA ALA J 14 -14.55 21.29 1.65
C ALA J 14 -14.41 20.79 0.21
N SER J 15 -13.86 19.60 0.06
CA SER J 15 -13.49 19.10 -1.25
C SER J 15 -14.74 18.92 -2.16
N LEU J 16 -15.83 18.46 -1.54
CA LEU J 16 -17.17 18.40 -2.14
C LEU J 16 -17.77 19.78 -2.50
N ASP J 17 -17.65 20.77 -1.62
CA ASP J 17 -18.07 22.11 -2.00
C ASP J 17 -17.23 22.57 -3.19
N ALA J 18 -15.93 22.35 -3.11
CA ALA J 18 -15.02 22.73 -4.20
C ALA J 18 -15.48 22.11 -5.50
N GLU J 19 -15.77 20.82 -5.48
CA GLU J 19 -16.24 20.10 -6.65
C GLU J 19 -17.52 20.65 -7.21
N LYS J 20 -18.49 20.88 -6.36
CA LYS J 20 -19.76 21.45 -6.78
C LYS J 20 -19.57 22.81 -7.45
N ALA J 21 -18.66 23.61 -6.91
CA ALA J 21 -18.40 24.93 -7.45
C ALA J 21 -17.67 24.89 -8.77
N GLN J 22 -16.66 24.02 -8.88
CA GLN J 22 -15.92 23.90 -10.12
C GLN J 22 -16.86 23.40 -11.21
N GLY J 23 -17.67 22.41 -10.87
CA GLY J 23 -18.56 21.83 -11.84
C GLY J 23 -19.53 22.84 -12.37
N GLN J 24 -20.00 23.71 -11.50
CA GLN J 24 -20.89 24.78 -11.95
C GLN J 24 -20.16 25.68 -12.96
N LYS J 25 -19.03 26.23 -12.55
CA LYS J 25 -18.26 27.14 -13.38
C LYS J 25 -17.88 26.53 -14.74
N LYS J 26 -17.58 25.24 -14.77
CA LYS J 26 -17.33 24.58 -16.04
C LYS J 26 -18.58 24.57 -16.91
N VAL J 27 -19.70 24.16 -16.32
CA VAL J 27 -20.96 24.13 -17.06
C VAL J 27 -21.40 25.48 -17.60
N GLU J 28 -21.71 26.45 -16.75
CA GLU J 28 -22.20 27.70 -17.33
C GLU J 28 -21.23 28.26 -18.38
N GLU J 29 -19.95 27.91 -18.27
CA GLU J 29 -18.96 28.31 -19.25
C GLU J 29 -19.12 27.51 -20.54
N LEU J 30 -19.65 26.30 -20.45
CA LEU J 30 -19.90 25.55 -21.65
C LEU J 30 -21.20 25.95 -22.30
N GLU J 31 -22.12 26.53 -21.53
CA GLU J 31 -23.41 26.86 -22.13
C GLU J 31 -23.43 28.26 -22.69
N GLY J 32 -22.54 29.11 -22.15
CA GLY J 32 -22.24 30.39 -22.76
C GLY J 32 -21.52 30.17 -24.08
N GLU J 33 -20.74 29.09 -24.12
CA GLU J 33 -20.07 28.68 -25.33
C GLU J 33 -21.16 28.32 -26.35
N ILE J 34 -22.13 27.51 -25.93
CA ILE J 34 -23.23 27.11 -26.79
C ILE J 34 -24.05 28.28 -27.28
N THR J 35 -24.49 29.11 -26.33
CA THR J 35 -25.29 30.29 -26.66
C THR J 35 -24.63 31.15 -27.76
N THR J 36 -23.30 31.31 -27.65
CA THR J 36 -22.52 32.07 -28.63
C THR J 36 -22.46 31.33 -29.96
N LEU J 37 -22.44 30.01 -29.90
CA LEU J 37 -22.50 29.20 -31.12
C LEU J 37 -23.91 29.25 -31.74
N ASN J 38 -24.96 29.15 -30.92
CA ASN J 38 -26.32 29.21 -31.45
C ASN J 38 -26.63 30.52 -32.17
N HIS J 39 -26.19 31.65 -31.60
CA HIS J 39 -26.34 32.94 -32.26
C HIS J 39 -25.59 32.96 -33.58
N LYS J 40 -24.36 32.45 -33.58
CA LYS J 40 -23.59 32.40 -34.81
C LYS J 40 -24.33 31.58 -35.86
N LEU J 41 -25.10 30.58 -35.40
CA LEU J 41 -25.84 29.70 -36.30
C LEU J 41 -27.13 30.33 -36.78
N GLN J 42 -27.78 31.13 -35.93
CA GLN J 42 -28.97 31.86 -36.36
C GLN J 42 -28.57 32.83 -37.45
N ASP J 43 -27.43 33.48 -37.25
CA ASP J 43 -26.94 34.50 -38.16
C ASP J 43 -26.53 33.92 -39.51
N ALA J 44 -25.99 32.72 -39.51
CA ALA J 44 -25.60 32.09 -40.76
C ALA J 44 -26.82 31.52 -41.48
N SER J 45 -27.70 30.86 -40.73
CA SER J 45 -28.92 30.28 -41.29
C SER J 45 -29.74 31.30 -42.03
N ALA J 46 -29.82 32.51 -41.47
CA ALA J 46 -30.55 33.63 -42.09
C ALA J 46 -29.92 34.08 -43.43
N GLU J 47 -28.62 34.40 -43.38
CA GLU J 47 -27.86 34.86 -44.52
C GLU J 47 -28.08 33.90 -45.66
N VAL J 48 -28.07 32.62 -45.33
CA VAL J 48 -28.37 31.60 -46.33
C VAL J 48 -29.73 31.84 -46.94
N GLU J 49 -30.78 31.75 -46.13
CA GLU J 49 -32.14 31.80 -46.65
C GLU J 49 -32.39 33.08 -47.43
N ARG J 50 -31.60 34.11 -47.12
CA ARG J 50 -31.75 35.41 -47.77
C ARG J 50 -30.96 35.45 -49.06
N LEU J 51 -29.83 34.74 -49.06
CA LEU J 51 -29.05 34.60 -50.27
C LEU J 51 -29.72 33.62 -51.26
N ARG J 52 -30.50 32.68 -50.74
CA ARG J 52 -31.20 31.73 -51.59
C ARG J 52 -32.31 32.48 -52.34
N ARG J 53 -32.95 33.41 -51.65
CA ARG J 53 -34.05 34.15 -52.23
C ARG J 53 -33.51 35.08 -53.32
N GLU J 54 -32.40 35.74 -53.04
CA GLU J 54 -31.82 36.64 -54.03
C GLU J 54 -31.38 35.81 -55.20
N ASN J 55 -30.79 34.67 -54.86
CA ASN J 55 -30.30 33.73 -55.84
C ASN J 55 -31.31 33.41 -56.92
N GLN J 56 -32.56 33.13 -56.53
CA GLN J 56 -33.54 32.79 -57.56
C GLN J 56 -34.14 33.99 -58.29
N VAL J 57 -33.95 35.20 -57.77
CA VAL J 57 -34.29 36.38 -58.54
C VAL J 57 -33.19 36.73 -59.54
N LEU J 58 -31.95 36.76 -59.08
CA LEU J 58 -30.86 37.09 -59.99
C LEU J 58 -30.74 36.03 -61.03
N SER J 59 -31.90 34.32 -60.44
CA SER J 59 -31.45 33.27 -61.33
C SER J 59 -32.03 33.47 -62.73
N VAL J 60 -33.22 34.06 -62.75
CA VAL J 60 -34.04 34.17 -63.94
C VAL J 60 -33.96 35.57 -64.47
N ARG J 61 -32.24 37.04 -64.05
CA ARG J 61 -32.64 38.05 -65.02
C ARG J 61 -31.50 38.36 -65.99
N ALA K 3 -14.67 26.80 12.01
CA ALA K 3 -15.97 27.42 11.82
C ALA K 3 -17.00 26.66 12.62
N THR K 4 -18.06 27.36 12.98
CA THR K 4 -18.96 26.84 13.97
C THR K 4 -19.76 25.66 13.42
N CYS K 5 -19.96 25.62 12.11
CA CYS K 5 -20.60 24.46 11.50
C CYS K 5 -19.72 23.21 11.65
N ASN K 6 -18.42 23.37 11.35
CA ASN K 6 -17.45 22.30 11.61
C ASN K 6 -17.47 21.74 13.03
N HIS K 7 -17.41 22.59 14.07
CA HIS K 7 -17.45 22.12 15.46
C HIS K 7 -18.77 21.40 15.73
N THR K 8 -19.85 21.88 15.14
CA THR K 8 -21.12 21.20 15.36
C THR K 8 -21.20 19.80 14.73
N VAL K 9 -20.68 19.65 13.51
CA VAL K 9 -20.61 18.35 12.86
C VAL K 9 -19.79 17.43 13.73
N ALA K 11 -19.41 17.69 17.01
CA ALA K 11 -20.15 17.49 18.23
C ALA K 11 -21.29 16.48 18.07
N LEU K 12 -22.09 16.64 17.01
CA LEU K 12 -23.14 15.68 16.68
C LEU K 12 -22.55 14.29 16.52
N ALA K 14 -19.94 12.95 17.96
CA ALA K 14 -19.58 12.38 19.26
C ALA K 14 -20.79 12.08 20.14
N SER K 15 -21.89 12.80 19.91
CA SER K 15 -23.14 12.52 20.58
C SER K 15 -23.85 11.36 19.90
N LEU K 16 -23.50 11.05 18.67
CA LEU K 16 -24.09 9.90 18.03
C LEU K 16 -23.36 8.67 18.52
N ASP K 17 -22.07 8.81 18.80
CA ASP K 17 -21.27 7.77 19.45
C ASP K 17 -21.84 7.54 20.85
N ALA K 18 -22.14 8.65 21.52
CA ALA K 18 -22.75 8.63 22.85
C ALA K 18 -24.02 7.81 22.84
N GLU K 19 -25.07 8.33 22.22
CA GLU K 19 -26.33 7.62 22.17
C GLU K 19 -26.14 6.20 21.65
N LYS K 20 -24.93 5.89 21.17
CA LYS K 20 -24.57 4.53 20.80
C LYS K 20 -24.03 3.72 21.98
N ALA K 21 -22.94 4.19 22.59
CA ALA K 21 -22.28 3.46 23.68
C ALA K 21 -23.08 3.43 24.98
N GLN K 22 -24.00 4.37 25.17
CA GLN K 22 -24.93 4.25 26.29
C GLN K 22 -25.90 3.13 25.96
N GLY K 23 -26.07 2.85 24.67
CA GLY K 23 -26.91 1.75 24.21
C GLY K 23 -26.27 0.39 24.39
N GLN K 24 -25.09 0.19 23.79
CA GLN K 24 -24.36 -1.08 23.89
C GLN K 24 -24.15 -1.53 25.34
N LYS K 25 -23.83 -0.59 26.23
CA LYS K 25 -23.54 -0.92 27.63
C LYS K 25 -24.77 -1.24 28.49
N LYS K 26 -25.86 -0.49 28.31
CA LYS K 26 -27.12 -0.80 28.99
C LYS K 26 -27.73 -2.08 28.42
N VAL K 27 -27.67 -2.23 27.11
CA VAL K 27 -28.28 -3.38 26.43
C VAL K 27 -27.52 -4.69 26.71
N GLU K 28 -26.24 -4.58 27.05
CA GLU K 28 -25.41 -5.75 27.36
C GLU K 28 -25.54 -6.13 28.86
N GLU K 29 -25.60 -5.12 29.71
CA GLU K 29 -25.86 -5.33 31.13
C GLU K 29 -27.20 -6.03 31.32
N LEU K 30 -28.19 -5.59 30.55
CA LEU K 30 -29.53 -6.18 30.61
C LEU K 30 -29.51 -7.65 30.21
N GLU K 31 -28.80 -7.96 29.13
CA GLU K 31 -28.75 -9.32 28.63
C GLU K 31 -28.00 -10.25 29.58
N GLY K 32 -27.16 -9.65 30.43
CA GLY K 32 -26.46 -10.40 31.46
C GLY K 32 -27.39 -10.70 32.63
N GLU K 33 -28.02 -9.66 33.16
CA GLU K 33 -29.03 -9.81 34.21
C GLU K 33 -30.17 -10.70 33.71
N ILE K 34 -30.25 -10.87 32.39
CA ILE K 34 -31.30 -11.66 31.75
C ILE K 34 -30.92 -13.14 31.67
N THR K 35 -29.63 -13.42 31.50
CA THR K 35 -29.15 -14.80 31.42
C THR K 35 -29.49 -15.58 32.68
N THR K 36 -29.86 -14.86 33.73
CA THR K 36 -30.21 -15.47 35.01
C THR K 36 -31.39 -16.44 34.89
N LEU K 37 -31.78 -16.75 33.65
CA LEU K 37 -32.76 -17.78 33.37
C LEU K 37 -32.16 -19.14 33.73
N ASN K 38 -30.90 -19.09 34.15
CA ASN K 38 -30.15 -20.26 34.56
C ASN K 38 -30.13 -20.34 36.08
N HIS K 39 -30.48 -19.22 36.71
CA HIS K 39 -30.75 -19.18 38.14
C HIS K 39 -32.10 -19.85 38.35
N LYS K 40 -32.80 -20.09 37.25
CA LYS K 40 -34.07 -20.80 37.26
C LYS K 40 -33.83 -22.30 37.16
N LEU K 41 -32.67 -22.73 37.64
CA LEU K 41 -32.29 -24.14 37.63
C LEU K 41 -32.44 -24.76 36.25
#